data_2RTY
#
_entry.id   2RTY
#
_entity_poly.entity_id   1
_entity_poly.type   'polypeptide(L)'
_entity_poly.pdbx_seq_one_letter_code
;FSCDHSACAVRCLAQRRKGGKCKNGDCVCR
;
_entity_poly.pdbx_strand_id   A
#
# COMPACT_ATOMS: atom_id res chain seq x y z
N PHE A 1 14.49 3.68 -4.53
CA PHE A 1 13.36 2.82 -4.23
C PHE A 1 13.14 2.71 -2.72
N SER A 2 11.88 2.70 -2.31
CA SER A 2 11.54 2.61 -0.89
C SER A 2 10.04 2.39 -0.70
N CYS A 3 9.68 1.23 -0.18
CA CYS A 3 8.27 0.90 0.04
C CYS A 3 7.67 1.81 1.10
N ASP A 4 7.05 2.90 0.66
CA ASP A 4 6.43 3.85 1.57
C ASP A 4 5.00 3.42 1.92
N HIS A 5 4.70 3.36 3.21
CA HIS A 5 3.37 2.97 3.67
C HIS A 5 2.31 3.94 3.17
N SER A 6 2.69 5.21 3.06
CA SER A 6 1.77 6.25 2.59
C SER A 6 1.33 5.98 1.16
N ALA A 7 2.31 5.85 0.27
CA ALA A 7 2.04 5.59 -1.14
C ALA A 7 1.09 4.40 -1.31
N CYS A 8 1.42 3.30 -0.65
CA CYS A 8 0.60 2.09 -0.73
C CYS A 8 -0.77 2.32 -0.11
N ALA A 9 -0.78 2.94 1.07
CA ALA A 9 -2.04 3.22 1.76
C ALA A 9 -3.02 3.95 0.86
N VAL A 10 -2.53 4.99 0.18
CA VAL A 10 -3.37 5.77 -0.72
C VAL A 10 -3.73 4.97 -1.96
N ARG A 11 -2.72 4.35 -2.58
CA ARG A 11 -2.93 3.55 -3.78
C ARG A 11 -3.91 2.41 -3.51
N CYS A 12 -4.05 2.05 -2.24
CA CYS A 12 -4.96 0.97 -1.86
C CYS A 12 -6.37 1.50 -1.63
N LEU A 13 -6.48 2.56 -0.83
CA LEU A 13 -7.77 3.17 -0.54
C LEU A 13 -8.42 3.72 -1.81
N ALA A 14 -7.58 4.05 -2.79
CA ALA A 14 -8.08 4.59 -4.06
C ALA A 14 -8.55 3.47 -4.98
N GLN A 15 -8.03 2.26 -4.76
CA GLN A 15 -8.40 1.12 -5.57
C GLN A 15 -9.54 0.34 -4.92
N ARG A 16 -10.24 0.99 -4.00
CA ARG A 16 -11.36 0.36 -3.31
C ARG A 16 -10.89 -0.84 -2.49
N ARG A 17 -9.89 -0.62 -1.65
CA ARG A 17 -9.34 -1.68 -0.80
C ARG A 17 -9.21 -1.21 0.64
N LYS A 18 -9.86 -0.09 0.96
CA LYS A 18 -9.82 0.46 2.31
C LYS A 18 -8.37 0.61 2.78
N GLY A 19 -7.46 0.83 1.84
CA GLY A 19 -6.06 0.99 2.19
C GLY A 19 -5.36 -0.34 2.36
N GLY A 20 -4.05 -0.29 2.66
CA GLY A 20 -3.29 -1.50 2.85
C GLY A 20 -2.02 -1.27 3.65
N LYS A 21 -0.98 -2.03 3.32
CA LYS A 21 0.30 -1.90 4.02
C LYS A 21 1.43 -2.48 3.18
N CYS A 22 2.66 -2.09 3.50
CA CYS A 22 3.83 -2.57 2.77
C CYS A 22 4.49 -3.73 3.52
N LYS A 23 4.96 -4.71 2.76
CA LYS A 23 5.62 -5.88 3.33
C LYS A 23 6.93 -6.19 2.62
N ASN A 24 8.02 -5.63 3.13
CA ASN A 24 9.33 -5.84 2.53
C ASN A 24 9.32 -5.51 1.04
N GLY A 25 8.51 -4.52 0.67
CA GLY A 25 8.42 -4.12 -0.72
C GLY A 25 7.08 -4.49 -1.34
N ASP A 26 6.52 -5.60 -0.90
CA ASP A 26 5.23 -6.06 -1.42
C ASP A 26 4.09 -5.22 -0.85
N CYS A 27 3.49 -4.40 -1.70
CA CYS A 27 2.38 -3.55 -1.29
C CYS A 27 1.07 -4.33 -1.24
N VAL A 28 0.69 -4.75 -0.04
CA VAL A 28 -0.53 -5.52 0.14
C VAL A 28 -1.72 -4.59 0.40
N CYS A 29 -2.84 -4.88 -0.25
CA CYS A 29 -4.05 -4.06 -0.09
C CYS A 29 -5.16 -4.88 0.56
N ARG A 30 -5.65 -4.41 1.71
CA ARG A 30 -6.71 -5.09 2.43
C ARG A 30 -7.74 -4.09 2.94
N PHE A 1 15.07 3.12 -3.34
CA PHE A 1 13.73 2.75 -2.87
C PHE A 1 13.74 2.42 -1.38
N SER A 2 12.60 2.54 -0.74
CA SER A 2 12.47 2.27 0.68
C SER A 2 11.05 1.84 1.04
N CYS A 3 10.35 1.27 0.06
CA CYS A 3 8.98 0.83 0.27
C CYS A 3 8.10 1.97 0.80
N ASP A 4 7.54 2.75 -0.11
CA ASP A 4 6.69 3.86 0.25
C ASP A 4 5.32 3.38 0.73
N HIS A 5 5.14 3.36 2.05
CA HIS A 5 3.89 2.91 2.64
C HIS A 5 2.78 3.92 2.38
N SER A 6 3.15 5.19 2.25
CA SER A 6 2.19 6.25 2.00
C SER A 6 1.50 6.06 0.66
N ALA A 7 2.30 6.03 -0.41
CA ALA A 7 1.78 5.86 -1.76
C ALA A 7 0.85 4.64 -1.83
N CYS A 8 1.32 3.51 -1.30
CA CYS A 8 0.54 2.29 -1.30
C CYS A 8 -0.74 2.45 -0.50
N ALA A 9 -0.60 2.99 0.72
CA ALA A 9 -1.75 3.20 1.59
C ALA A 9 -2.86 3.95 0.87
N VAL A 10 -2.50 5.04 0.21
CA VAL A 10 -3.47 5.85 -0.52
C VAL A 10 -3.98 5.10 -1.75
N ARG A 11 -3.06 4.55 -2.53
CA ARG A 11 -3.41 3.82 -3.74
C ARG A 11 -4.32 2.64 -3.41
N CYS A 12 -4.28 2.20 -2.16
CA CYS A 12 -5.10 1.08 -1.71
C CYS A 12 -6.48 1.56 -1.27
N LEU A 13 -6.50 2.56 -0.40
CA LEU A 13 -7.75 3.11 0.10
C LEU A 13 -8.58 3.71 -1.02
N ALA A 14 -7.90 4.13 -2.09
CA ALA A 14 -8.56 4.72 -3.24
C ALA A 14 -9.14 3.65 -4.15
N GLN A 15 -8.57 2.45 -4.08
CA GLN A 15 -9.03 1.33 -4.90
C GLN A 15 -10.05 0.49 -4.16
N ARG A 16 -10.63 1.06 -3.12
CA ARG A 16 -11.63 0.36 -2.31
C ARG A 16 -11.02 -0.87 -1.65
N ARG A 17 -9.93 -0.67 -0.94
CA ARG A 17 -9.25 -1.75 -0.24
C ARG A 17 -8.92 -1.37 1.19
N LYS A 18 -9.54 -0.30 1.67
CA LYS A 18 -9.32 0.18 3.03
C LYS A 18 -7.82 0.35 3.31
N GLY A 19 -7.06 0.64 2.27
CA GLY A 19 -5.63 0.83 2.43
C GLY A 19 -4.88 -0.49 2.43
N GLY A 20 -3.55 -0.41 2.52
CA GLY A 20 -2.74 -1.62 2.51
C GLY A 20 -1.50 -1.48 3.38
N LYS A 21 -0.44 -2.20 3.02
CA LYS A 21 0.80 -2.15 3.77
C LYS A 21 1.97 -2.65 2.91
N CYS A 22 3.18 -2.31 3.33
CA CYS A 22 4.38 -2.72 2.60
C CYS A 22 4.79 -4.14 2.98
N LYS A 23 5.12 -4.94 1.97
CA LYS A 23 5.53 -6.32 2.19
C LYS A 23 6.97 -6.54 1.73
N ASN A 24 7.92 -6.26 2.61
CA ASN A 24 9.33 -6.43 2.30
C ASN A 24 9.69 -5.72 0.99
N GLY A 25 9.12 -4.53 0.80
CA GLY A 25 9.39 -3.78 -0.40
C GLY A 25 8.20 -3.72 -1.35
N ASP A 26 7.34 -4.74 -1.26
CA ASP A 26 6.16 -4.81 -2.11
C ASP A 26 5.02 -3.99 -1.52
N CYS A 27 3.89 -3.97 -2.20
CA CYS A 27 2.72 -3.23 -1.74
C CYS A 27 1.47 -4.09 -1.80
N VAL A 28 1.00 -4.52 -0.63
CA VAL A 28 -0.19 -5.35 -0.54
C VAL A 28 -1.40 -4.53 -0.08
N CYS A 29 -2.53 -4.74 -0.74
CA CYS A 29 -3.76 -4.02 -0.39
C CYS A 29 -4.73 -4.94 0.33
N ARG A 30 -5.12 -4.55 1.55
CA ARG A 30 -6.05 -5.34 2.34
C ARG A 30 -7.15 -4.46 2.92
N PHE A 1 16.40 2.77 -1.82
CA PHE A 1 14.97 2.73 -2.02
C PHE A 1 14.27 2.02 -0.87
N SER A 2 12.95 2.17 -0.78
CA SER A 2 12.18 1.55 0.27
C SER A 2 10.68 1.65 -0.02
N CYS A 3 9.98 0.53 0.05
CA CYS A 3 8.54 0.50 -0.20
C CYS A 3 7.80 1.44 0.75
N ASP A 4 7.46 2.62 0.25
CA ASP A 4 6.76 3.61 1.04
C ASP A 4 5.36 3.13 1.40
N HIS A 5 5.02 3.17 2.69
CA HIS A 5 3.71 2.73 3.15
C HIS A 5 2.63 3.72 2.73
N SER A 6 3.01 4.97 2.54
CA SER A 6 2.06 6.00 2.13
C SER A 6 1.54 5.74 0.73
N ALA A 7 2.46 5.61 -0.22
CA ALA A 7 2.10 5.35 -1.62
C ALA A 7 1.15 4.16 -1.71
N CYS A 8 1.52 3.05 -1.09
CA CYS A 8 0.71 1.84 -1.12
C CYS A 8 -0.63 2.08 -0.42
N ALA A 9 -0.58 2.68 0.76
CA ALA A 9 -1.79 2.97 1.53
C ALA A 9 -2.82 3.69 0.67
N VAL A 10 -2.38 4.74 -0.02
CA VAL A 10 -3.27 5.52 -0.88
C VAL A 10 -3.69 4.72 -2.10
N ARG A 11 -2.72 4.11 -2.77
CA ARG A 11 -2.99 3.32 -3.96
C ARG A 11 -3.96 2.18 -3.65
N CYS A 12 -4.03 1.81 -2.36
CA CYS A 12 -4.91 0.73 -1.93
C CYS A 12 -6.31 1.26 -1.63
N LEU A 13 -6.37 2.31 -0.82
CA LEU A 13 -7.64 2.92 -0.45
C LEU A 13 -8.37 3.47 -1.68
N ALA A 14 -7.59 3.82 -2.70
CA ALA A 14 -8.15 4.35 -3.93
C ALA A 14 -8.67 3.24 -4.83
N GLN A 15 -8.14 2.03 -4.65
CA GLN A 15 -8.55 0.88 -5.45
C GLN A 15 -9.66 0.10 -4.75
N ARG A 16 -10.30 0.75 -3.77
CA ARG A 16 -11.39 0.11 -3.03
C ARG A 16 -10.86 -1.09 -2.24
N ARG A 17 -9.82 -0.87 -1.45
CA ARG A 17 -9.23 -1.93 -0.65
C ARG A 17 -9.01 -1.47 0.79
N LYS A 18 -9.64 -0.35 1.15
CA LYS A 18 -9.51 0.19 2.50
C LYS A 18 -8.05 0.34 2.89
N GLY A 19 -7.19 0.57 1.90
CA GLY A 19 -5.77 0.73 2.16
C GLY A 19 -5.06 -0.60 2.29
N GLY A 20 -3.75 -0.55 2.51
CA GLY A 20 -2.96 -1.76 2.65
C GLY A 20 -1.65 -1.53 3.36
N LYS A 21 -0.63 -2.28 2.97
CA LYS A 21 0.69 -2.15 3.58
C LYS A 21 1.77 -2.72 2.66
N CYS A 22 3.02 -2.42 2.98
CA CYS A 22 4.15 -2.89 2.19
C CYS A 22 4.84 -4.06 2.87
N LYS A 23 5.20 -5.08 2.09
CA LYS A 23 5.87 -6.25 2.62
C LYS A 23 7.14 -6.56 1.83
N ASN A 24 8.27 -6.04 2.30
CA ASN A 24 9.55 -6.26 1.64
C ASN A 24 9.47 -5.89 0.15
N GLY A 25 8.65 -4.89 -0.15
CA GLY A 25 8.50 -4.46 -1.53
C GLY A 25 7.13 -4.79 -2.08
N ASP A 26 6.56 -5.92 -1.65
CA ASP A 26 5.25 -6.34 -2.12
C ASP A 26 4.14 -5.51 -1.47
N CYS A 27 3.50 -4.66 -2.28
CA CYS A 27 2.44 -3.80 -1.78
C CYS A 27 1.13 -4.57 -1.67
N VAL A 28 0.80 -5.02 -0.46
CA VAL A 28 -0.42 -5.76 -0.23
C VAL A 28 -1.58 -4.83 0.10
N CYS A 29 -2.74 -5.11 -0.48
CA CYS A 29 -3.94 -4.30 -0.26
C CYS A 29 -5.02 -5.11 0.44
N ARG A 30 -5.45 -4.63 1.60
CA ARG A 30 -6.49 -5.31 2.38
C ARG A 30 -7.80 -5.32 1.61
N PHE A 1 14.63 3.44 -4.45
CA PHE A 1 13.23 3.05 -4.30
C PHE A 1 12.96 2.55 -2.89
N SER A 2 11.76 2.81 -2.39
CA SER A 2 11.37 2.40 -1.04
C SER A 2 9.86 2.33 -0.90
N CYS A 3 9.35 1.16 -0.55
CA CYS A 3 7.92 0.96 -0.38
C CYS A 3 7.40 1.69 0.85
N ASP A 4 6.92 2.92 0.64
CA ASP A 4 6.40 3.73 1.74
C ASP A 4 4.98 3.31 2.09
N HIS A 5 4.67 3.29 3.38
CA HIS A 5 3.34 2.92 3.84
C HIS A 5 2.28 3.88 3.31
N SER A 6 2.71 5.11 3.04
CA SER A 6 1.79 6.13 2.54
C SER A 6 1.39 5.83 1.09
N ALA A 7 2.39 5.68 0.22
CA ALA A 7 2.14 5.39 -1.18
C ALA A 7 1.21 4.19 -1.34
N CYS A 8 1.51 3.12 -0.60
CA CYS A 8 0.71 1.90 -0.66
C CYS A 8 -0.68 2.14 -0.08
N ALA A 9 -0.73 2.79 1.08
CA ALA A 9 -2.00 3.08 1.74
C ALA A 9 -2.97 3.76 0.78
N VAL A 10 -2.49 4.79 0.08
CA VAL A 10 -3.32 5.52 -0.86
C VAL A 10 -3.64 4.67 -2.09
N ARG A 11 -2.60 4.05 -2.65
CA ARG A 11 -2.77 3.20 -3.83
C ARG A 11 -3.74 2.06 -3.55
N CYS A 12 -3.91 1.74 -2.27
CA CYS A 12 -4.81 0.66 -1.87
C CYS A 12 -6.23 1.19 -1.70
N LEU A 13 -6.38 2.26 -0.93
CA LEU A 13 -7.68 2.86 -0.69
C LEU A 13 -8.30 3.35 -1.99
N ALA A 14 -7.46 3.67 -2.96
CA ALA A 14 -7.92 4.16 -4.25
C ALA A 14 -8.36 3.00 -5.15
N GLN A 15 -7.83 1.81 -4.87
CA GLN A 15 -8.16 0.63 -5.66
C GLN A 15 -9.31 -0.14 -5.01
N ARG A 16 -10.05 0.53 -4.12
CA ARG A 16 -11.17 -0.10 -3.44
C ARG A 16 -10.70 -1.25 -2.57
N ARG A 17 -9.72 -0.99 -1.71
CA ARG A 17 -9.18 -2.01 -0.83
C ARG A 17 -9.08 -1.50 0.61
N LYS A 18 -9.75 -0.38 0.87
CA LYS A 18 -9.74 0.22 2.20
C LYS A 18 -8.31 0.40 2.70
N GLY A 19 -7.38 0.61 1.78
CA GLY A 19 -5.99 0.80 2.15
C GLY A 19 -5.27 -0.51 2.38
N GLY A 20 -3.97 -0.43 2.63
CA GLY A 20 -3.18 -1.63 2.87
C GLY A 20 -1.92 -1.35 3.65
N LYS A 21 -0.88 -2.15 3.41
CA LYS A 21 0.39 -1.99 4.09
C LYS A 21 1.53 -2.55 3.27
N CYS A 22 2.76 -2.13 3.58
CA CYS A 22 3.94 -2.60 2.87
C CYS A 22 4.57 -3.78 3.59
N LYS A 23 5.15 -4.69 2.82
CA LYS A 23 5.81 -5.86 3.37
C LYS A 23 7.12 -6.16 2.65
N ASN A 24 8.22 -5.67 3.19
CA ASN A 24 9.53 -5.89 2.60
C ASN A 24 9.54 -5.49 1.12
N GLY A 25 8.73 -4.47 0.79
CA GLY A 25 8.65 -4.02 -0.58
C GLY A 25 7.32 -4.35 -1.23
N ASP A 26 6.77 -5.51 -0.88
CA ASP A 26 5.49 -5.94 -1.44
C ASP A 26 4.34 -5.14 -0.83
N CYS A 27 3.71 -4.30 -1.64
CA CYS A 27 2.60 -3.49 -1.18
C CYS A 27 1.31 -4.30 -1.16
N VAL A 28 0.94 -4.78 0.03
CA VAL A 28 -0.28 -5.57 0.19
C VAL A 28 -1.49 -4.67 0.40
N CYS A 29 -2.63 -5.07 -0.15
CA CYS A 29 -3.85 -4.31 -0.03
C CYS A 29 -4.97 -5.16 0.59
N ARG A 30 -5.50 -4.71 1.71
CA ARG A 30 -6.57 -5.42 2.40
C ARG A 30 -7.73 -4.49 2.73
N PHE A 1 15.46 1.72 -4.42
CA PHE A 1 14.13 2.25 -4.14
C PHE A 1 13.73 1.95 -2.69
N SER A 2 12.48 2.27 -2.35
CA SER A 2 11.98 2.04 -1.00
C SER A 2 10.45 2.01 -0.99
N CYS A 3 9.89 0.89 -0.54
CA CYS A 3 8.44 0.74 -0.48
C CYS A 3 7.84 1.68 0.56
N ASP A 4 7.40 2.85 0.11
CA ASP A 4 6.80 3.84 1.00
C ASP A 4 5.39 3.42 1.40
N HIS A 5 5.19 3.17 2.69
CA HIS A 5 3.89 2.77 3.20
C HIS A 5 2.82 3.80 2.86
N SER A 6 3.25 5.05 2.72
CA SER A 6 2.33 6.14 2.40
C SER A 6 1.78 5.99 0.98
N ALA A 7 2.69 5.91 0.01
CA ALA A 7 2.31 5.76 -1.38
C ALA A 7 1.35 4.60 -1.57
N CYS A 8 1.73 3.44 -1.02
CA CYS A 8 0.90 2.24 -1.12
C CYS A 8 -0.43 2.44 -0.41
N ALA A 9 -0.37 2.96 0.81
CA ALA A 9 -1.58 3.19 1.61
C ALA A 9 -2.61 3.98 0.81
N VAL A 10 -2.17 5.07 0.18
CA VAL A 10 -3.06 5.91 -0.61
C VAL A 10 -3.49 5.19 -1.88
N ARG A 11 -2.52 4.63 -2.60
CA ARG A 11 -2.80 3.91 -3.84
C ARG A 11 -3.77 2.75 -3.59
N CYS A 12 -3.84 2.30 -2.34
CA CYS A 12 -4.72 1.20 -1.97
C CYS A 12 -6.11 1.71 -1.64
N LEU A 13 -6.17 2.71 -0.75
CA LEU A 13 -7.45 3.29 -0.33
C LEU A 13 -8.17 3.92 -1.53
N ALA A 14 -7.39 4.34 -2.52
CA ALA A 14 -7.95 4.96 -3.72
C ALA A 14 -8.49 3.90 -4.68
N GLN A 15 -7.96 2.69 -4.58
CA GLN A 15 -8.39 1.60 -5.45
C GLN A 15 -9.49 0.78 -4.80
N ARG A 16 -10.13 1.36 -3.78
CA ARG A 16 -11.21 0.68 -3.06
C ARG A 16 -10.69 -0.57 -2.37
N ARG A 17 -9.63 -0.41 -1.57
CA ARG A 17 -9.05 -1.52 -0.84
C ARG A 17 -8.82 -1.16 0.62
N LYS A 18 -9.44 -0.07 1.06
CA LYS A 18 -9.31 0.39 2.43
C LYS A 18 -7.84 0.51 2.82
N GLY A 19 -6.99 0.80 1.85
CA GLY A 19 -5.56 0.93 2.12
C GLY A 19 -4.86 -0.41 2.15
N GLY A 20 -3.54 -0.37 2.35
CA GLY A 20 -2.76 -1.60 2.40
C GLY A 20 -1.54 -1.47 3.28
N LYS A 21 -0.49 -2.22 2.95
CA LYS A 21 0.74 -2.19 3.73
C LYS A 21 1.91 -2.72 2.91
N CYS A 22 3.12 -2.37 3.32
CA CYS A 22 4.32 -2.81 2.62
C CYS A 22 4.99 -3.97 3.35
N LYS A 23 4.66 -5.18 2.94
CA LYS A 23 5.22 -6.39 3.55
C LYS A 23 6.55 -6.76 2.90
N ASN A 24 7.64 -6.41 3.59
CA ASN A 24 8.98 -6.71 3.08
C ASN A 24 9.15 -6.18 1.66
N GLY A 25 8.50 -5.06 1.37
CA GLY A 25 8.59 -4.46 0.05
C GLY A 25 7.34 -4.68 -0.77
N ASP A 26 6.68 -5.81 -0.57
CA ASP A 26 5.46 -6.15 -1.30
C ASP A 26 4.30 -5.28 -0.83
N CYS A 27 3.80 -4.43 -1.73
CA CYS A 27 2.69 -3.55 -1.41
C CYS A 27 1.36 -4.30 -1.49
N VAL A 28 0.92 -4.85 -0.36
CA VAL A 28 -0.33 -5.59 -0.31
C VAL A 28 -1.49 -4.67 0.02
N CYS A 29 -2.57 -4.78 -0.77
CA CYS A 29 -3.76 -3.96 -0.56
C CYS A 29 -4.89 -4.78 0.04
N ARG A 30 -5.37 -4.35 1.20
CA ARG A 30 -6.46 -5.06 1.88
C ARG A 30 -7.80 -4.67 1.28
N PHE A 1 15.66 2.89 -3.77
CA PHE A 1 14.22 2.71 -3.69
C PHE A 1 13.79 2.27 -2.29
N SER A 2 12.59 2.66 -1.89
CA SER A 2 12.07 2.31 -0.58
C SER A 2 10.54 2.19 -0.60
N CYS A 3 10.05 1.04 -0.16
CA CYS A 3 8.61 0.80 -0.13
C CYS A 3 7.91 1.75 0.82
N ASP A 4 7.39 2.86 0.28
CA ASP A 4 6.70 3.84 1.09
C ASP A 4 5.28 3.38 1.43
N HIS A 5 5.07 3.00 2.69
CA HIS A 5 3.77 2.54 3.14
C HIS A 5 2.68 3.54 2.77
N SER A 6 3.05 4.82 2.72
CA SER A 6 2.10 5.88 2.40
C SER A 6 1.57 5.71 0.98
N ALA A 7 2.48 5.65 0.01
CA ALA A 7 2.11 5.49 -1.38
C ALA A 7 1.16 4.30 -1.56
N CYS A 8 1.56 3.15 -1.04
CA CYS A 8 0.76 1.94 -1.14
C CYS A 8 -0.58 2.11 -0.42
N ALA A 9 -0.52 2.64 0.79
CA ALA A 9 -1.73 2.87 1.58
C ALA A 9 -2.78 3.63 0.78
N VAL A 10 -2.36 4.72 0.14
CA VAL A 10 -3.27 5.53 -0.66
C VAL A 10 -3.69 4.79 -1.92
N ARG A 11 -2.71 4.23 -2.63
CA ARG A 11 -2.99 3.49 -3.86
C ARG A 11 -3.93 2.33 -3.60
N CYS A 12 -3.99 1.88 -2.35
CA CYS A 12 -4.85 0.77 -1.97
C CYS A 12 -6.25 1.26 -1.63
N LEU A 13 -6.33 2.27 -0.76
CA LEU A 13 -7.61 2.83 -0.35
C LEU A 13 -8.35 3.44 -1.54
N ALA A 14 -7.58 3.84 -2.54
CA ALA A 14 -8.17 4.45 -3.74
C ALA A 14 -8.67 3.37 -4.71
N GLN A 15 -8.12 2.17 -4.59
CA GLN A 15 -8.52 1.06 -5.44
C GLN A 15 -9.61 0.23 -4.78
N ARG A 16 -10.25 0.81 -3.77
CA ARG A 16 -11.32 0.11 -3.05
C ARG A 16 -10.78 -1.13 -2.33
N ARG A 17 -9.72 -0.93 -1.54
CA ARG A 17 -9.12 -2.03 -0.80
C ARG A 17 -8.89 -1.64 0.66
N LYS A 18 -9.54 -0.56 1.08
CA LYS A 18 -9.41 -0.08 2.46
C LYS A 18 -7.94 0.06 2.85
N GLY A 19 -7.10 0.36 1.87
CA GLY A 19 -5.68 0.53 2.13
C GLY A 19 -4.94 -0.80 2.17
N GLY A 20 -3.63 -0.74 2.39
CA GLY A 20 -2.84 -1.94 2.45
C GLY A 20 -1.61 -1.78 3.34
N LYS A 21 -0.57 -2.55 3.03
CA LYS A 21 0.67 -2.49 3.81
C LYS A 21 1.86 -2.95 2.98
N CYS A 22 3.07 -2.64 3.45
CA CYS A 22 4.28 -3.03 2.74
C CYS A 22 4.95 -4.21 3.43
N LYS A 23 4.81 -5.39 2.84
CA LYS A 23 5.41 -6.60 3.39
C LYS A 23 6.78 -6.87 2.78
N ASN A 24 7.83 -6.49 3.50
CA ASN A 24 9.20 -6.68 3.02
C ASN A 24 9.40 -6.03 1.66
N GLY A 25 8.63 -4.98 1.39
CA GLY A 25 8.74 -4.29 0.12
C GLY A 25 7.54 -4.51 -0.77
N ASP A 26 6.90 -5.67 -0.62
CA ASP A 26 5.73 -6.01 -1.41
C ASP A 26 4.51 -5.22 -0.94
N CYS A 27 3.98 -4.39 -1.85
CA CYS A 27 2.81 -3.58 -1.53
C CYS A 27 1.53 -4.39 -1.63
N VAL A 28 1.07 -4.91 -0.50
CA VAL A 28 -0.15 -5.72 -0.47
C VAL A 28 -1.36 -4.87 -0.08
N CYS A 29 -2.47 -5.09 -0.77
CA CYS A 29 -3.69 -4.35 -0.51
C CYS A 29 -4.74 -5.24 0.16
N ARG A 30 -5.20 -4.83 1.34
CA ARG A 30 -6.19 -5.59 2.07
C ARG A 30 -7.26 -4.68 2.66
N PHE A 1 13.27 2.76 -4.81
CA PHE A 1 12.19 2.32 -3.93
C PHE A 1 12.68 2.27 -2.48
N SER A 2 11.79 2.59 -1.55
CA SER A 2 12.13 2.59 -0.13
C SER A 2 10.94 2.15 0.71
N CYS A 3 10.06 1.35 0.12
CA CYS A 3 8.88 0.86 0.82
C CYS A 3 8.09 2.01 1.41
N ASP A 4 7.43 2.78 0.54
CA ASP A 4 6.63 3.91 0.96
C ASP A 4 5.22 3.47 1.35
N HIS A 5 5.01 3.27 2.65
CA HIS A 5 3.70 2.84 3.16
C HIS A 5 2.62 3.85 2.79
N SER A 6 3.01 5.10 2.65
CA SER A 6 2.07 6.17 2.31
C SER A 6 1.53 5.97 0.90
N ALA A 7 2.44 5.95 -0.08
CA ALA A 7 2.06 5.77 -1.47
C ALA A 7 1.17 4.54 -1.65
N CYS A 8 1.53 3.45 -0.97
CA CYS A 8 0.76 2.22 -1.04
C CYS A 8 -0.60 2.37 -0.37
N ALA A 9 -0.59 2.94 0.84
CA ALA A 9 -1.81 3.14 1.60
C ALA A 9 -2.86 3.87 0.75
N VAL A 10 -2.44 4.96 0.11
CA VAL A 10 -3.35 5.74 -0.73
C VAL A 10 -3.73 4.98 -1.99
N ARG A 11 -2.72 4.42 -2.66
CA ARG A 11 -2.95 3.67 -3.88
C ARG A 11 -3.87 2.49 -3.64
N CYS A 12 -3.95 2.06 -2.37
CA CYS A 12 -4.80 0.94 -1.99
C CYS A 12 -6.23 1.41 -1.70
N LEU A 13 -6.34 2.42 -0.85
CA LEU A 13 -7.65 2.96 -0.48
C LEU A 13 -8.36 3.54 -1.69
N ALA A 14 -7.58 3.95 -2.69
CA ALA A 14 -8.14 4.51 -3.92
C ALA A 14 -8.61 3.42 -4.87
N GLN A 15 -8.04 2.23 -4.71
CA GLN A 15 -8.39 1.10 -5.56
C GLN A 15 -9.48 0.25 -4.91
N ARG A 16 -10.16 0.84 -3.92
CA ARG A 16 -11.23 0.13 -3.22
C ARG A 16 -10.69 -1.08 -2.47
N ARG A 17 -9.66 -0.85 -1.66
CA ARG A 17 -9.05 -1.92 -0.89
C ARG A 17 -8.86 -1.51 0.57
N LYS A 18 -9.54 -0.44 0.96
CA LYS A 18 -9.46 0.07 2.32
C LYS A 18 -8.00 0.25 2.75
N GLY A 19 -7.14 0.55 1.78
CA GLY A 19 -5.73 0.74 2.08
C GLY A 19 -4.97 -0.57 2.17
N GLY A 20 -3.67 -0.48 2.44
CA GLY A 20 -2.85 -1.67 2.54
C GLY A 20 -1.71 -1.50 3.53
N LYS A 21 -0.62 -2.22 3.29
CA LYS A 21 0.55 -2.14 4.15
C LYS A 21 1.80 -2.64 3.43
N CYS A 22 2.96 -2.31 3.98
CA CYS A 22 4.23 -2.71 3.39
C CYS A 22 4.65 -4.09 3.90
N LYS A 23 5.01 -4.98 2.97
CA LYS A 23 5.44 -6.32 3.32
C LYS A 23 6.89 -6.55 2.93
N ASN A 24 7.81 -6.19 3.83
CA ASN A 24 9.23 -6.36 3.57
C ASN A 24 9.63 -5.74 2.24
N GLY A 25 9.19 -4.51 2.02
CA GLY A 25 9.51 -3.81 0.79
C GLY A 25 8.37 -3.87 -0.22
N ASP A 26 7.54 -4.90 -0.11
CA ASP A 26 6.42 -5.08 -1.02
C ASP A 26 5.23 -4.23 -0.58
N CYS A 27 4.18 -4.23 -1.39
CA CYS A 27 2.98 -3.46 -1.09
C CYS A 27 1.73 -4.32 -1.23
N VAL A 28 1.12 -4.67 -0.09
CA VAL A 28 -0.09 -5.50 -0.09
C VAL A 28 -1.32 -4.66 0.24
N CYS A 29 -2.37 -4.83 -0.55
CA CYS A 29 -3.62 -4.09 -0.35
C CYS A 29 -4.66 -4.98 0.32
N ARG A 30 -5.12 -4.55 1.50
CA ARG A 30 -6.12 -5.30 2.25
C ARG A 30 -7.52 -5.01 1.72
N PHE A 1 7.86 3.85 -3.90
CA PHE A 1 9.11 3.16 -4.16
C PHE A 1 9.88 2.93 -2.87
N SER A 2 10.79 1.96 -2.89
CA SER A 2 11.59 1.65 -1.70
C SER A 2 10.71 1.30 -0.52
N CYS A 3 9.66 0.53 -0.78
CA CYS A 3 8.73 0.12 0.26
C CYS A 3 8.13 1.32 0.97
N ASP A 4 7.43 2.16 0.22
CA ASP A 4 6.81 3.35 0.77
C ASP A 4 5.39 3.06 1.24
N HIS A 5 5.22 2.99 2.56
CA HIS A 5 3.91 2.71 3.14
C HIS A 5 2.87 3.72 2.67
N SER A 6 3.31 4.96 2.48
CA SER A 6 2.42 6.02 2.03
C SER A 6 1.91 5.75 0.61
N ALA A 7 2.85 5.54 -0.32
CA ALA A 7 2.49 5.26 -1.70
C ALA A 7 1.49 4.11 -1.80
N CYS A 8 1.82 3.01 -1.14
CA CYS A 8 0.95 1.83 -1.15
C CYS A 8 -0.38 2.13 -0.46
N ALA A 9 -0.30 2.79 0.69
CA ALA A 9 -1.50 3.14 1.45
C ALA A 9 -2.53 3.85 0.57
N VAL A 10 -2.06 4.85 -0.18
CA VAL A 10 -2.93 5.61 -1.07
C VAL A 10 -3.39 4.76 -2.25
N ARG A 11 -2.43 4.09 -2.90
CA ARG A 11 -2.73 3.25 -4.04
C ARG A 11 -3.71 2.15 -3.66
N CYS A 12 -3.79 1.84 -2.38
CA CYS A 12 -4.70 0.81 -1.88
C CYS A 12 -6.07 1.39 -1.60
N LEU A 13 -6.12 2.48 -0.84
CA LEU A 13 -7.38 3.13 -0.50
C LEU A 13 -8.09 3.63 -1.75
N ALA A 14 -7.30 3.91 -2.80
CA ALA A 14 -7.86 4.40 -4.05
C ALA A 14 -8.41 3.26 -4.89
N GLN A 15 -7.91 2.05 -4.64
CA GLN A 15 -8.36 0.88 -5.37
C GLN A 15 -9.48 0.16 -4.64
N ARG A 16 -10.10 0.87 -3.69
CA ARG A 16 -11.19 0.30 -2.91
C ARG A 16 -10.70 -0.88 -2.07
N ARG A 17 -9.64 -0.65 -1.30
CA ARG A 17 -9.07 -1.68 -0.44
C ARG A 17 -8.83 -1.16 0.96
N LYS A 18 -9.44 -0.01 1.27
CA LYS A 18 -9.30 0.61 2.58
C LYS A 18 -7.82 0.74 2.97
N GLY A 19 -6.96 0.90 1.97
CA GLY A 19 -5.55 1.03 2.22
C GLY A 19 -4.86 -0.30 2.40
N GLY A 20 -3.54 -0.28 2.56
CA GLY A 20 -2.78 -1.50 2.74
C GLY A 20 -1.52 -1.29 3.55
N LYS A 21 -0.51 -2.13 3.32
CA LYS A 21 0.75 -2.03 4.03
C LYS A 21 1.88 -2.66 3.23
N CYS A 22 3.11 -2.41 3.65
CA CYS A 22 4.28 -2.95 2.96
C CYS A 22 4.67 -4.30 3.54
N LYS A 23 5.05 -5.24 2.66
CA LYS A 23 5.44 -6.57 3.08
C LYS A 23 6.89 -6.85 2.68
N ASN A 24 7.82 -6.40 3.51
CA ASN A 24 9.24 -6.61 3.25
C ASN A 24 9.60 -6.15 1.84
N GLY A 25 9.06 -5.01 1.41
CA GLY A 25 9.33 -4.49 0.10
C GLY A 25 8.14 -4.59 -0.83
N ASP A 26 7.25 -5.55 -0.55
CA ASP A 26 6.06 -5.74 -1.36
C ASP A 26 4.94 -4.80 -0.94
N CYS A 27 3.90 -4.72 -1.75
CA CYS A 27 2.77 -3.85 -1.46
C CYS A 27 1.47 -4.66 -1.35
N VAL A 28 1.02 -4.89 -0.12
CA VAL A 28 -0.20 -5.64 0.12
C VAL A 28 -1.37 -4.71 0.44
N CYS A 29 -2.51 -4.99 -0.17
CA CYS A 29 -3.71 -4.18 0.05
C CYS A 29 -4.77 -4.97 0.82
N ARG A 30 -5.19 -4.43 1.95
CA ARG A 30 -6.20 -5.08 2.78
C ARG A 30 -7.61 -4.71 2.32
N PHE A 1 14.62 -1.34 2.00
CA PHE A 1 13.84 -0.70 0.95
C PHE A 1 12.48 -0.26 1.48
N SER A 2 11.70 0.37 0.62
CA SER A 2 10.36 0.83 0.99
C SER A 2 9.64 1.45 -0.21
N CYS A 3 8.37 1.09 -0.37
CA CYS A 3 7.57 1.61 -1.48
C CYS A 3 6.63 2.70 -1.00
N ASP A 4 7.02 3.39 0.06
CA ASP A 4 6.21 4.47 0.62
C ASP A 4 4.86 3.94 1.11
N HIS A 5 4.77 3.64 2.39
CA HIS A 5 3.54 3.12 2.98
C HIS A 5 2.36 4.04 2.68
N SER A 6 2.66 5.32 2.50
CA SER A 6 1.62 6.31 2.20
C SER A 6 1.09 6.14 0.79
N ALA A 7 2.00 6.11 -0.18
CA ALA A 7 1.62 5.95 -1.58
C ALA A 7 0.71 4.74 -1.77
N CYS A 8 1.14 3.60 -1.23
CA CYS A 8 0.37 2.36 -1.34
C CYS A 8 -0.95 2.48 -0.57
N ALA A 9 -0.88 3.02 0.64
CA ALA A 9 -2.06 3.19 1.47
C ALA A 9 -3.17 3.90 0.71
N VAL A 10 -2.83 5.00 0.06
CA VAL A 10 -3.80 5.78 -0.70
C VAL A 10 -4.23 5.03 -1.95
N ARG A 11 -3.26 4.51 -2.70
CA ARG A 11 -3.54 3.76 -3.92
C ARG A 11 -4.42 2.55 -3.64
N CYS A 12 -4.41 2.11 -2.37
CA CYS A 12 -5.20 0.95 -1.97
C CYS A 12 -6.62 1.38 -1.58
N LEU A 13 -6.70 2.38 -0.70
CA LEU A 13 -7.99 2.88 -0.25
C LEU A 13 -8.79 3.47 -1.41
N ALA A 14 -8.09 3.91 -2.44
CA ALA A 14 -8.74 4.49 -3.62
C ALA A 14 -9.24 3.40 -4.55
N GLN A 15 -8.63 2.22 -4.46
CA GLN A 15 -9.01 1.08 -5.31
C GLN A 15 -10.03 0.20 -4.60
N ARG A 16 -10.67 0.75 -3.57
CA ARG A 16 -11.67 0.01 -2.81
C ARG A 16 -11.05 -1.20 -2.13
N ARG A 17 -9.98 -0.95 -1.38
CA ARG A 17 -9.29 -2.03 -0.66
C ARG A 17 -9.03 -1.63 0.79
N LYS A 18 -9.71 -0.58 1.24
CA LYS A 18 -9.55 -0.11 2.61
C LYS A 18 -8.09 0.11 2.95
N GLY A 19 -7.29 0.45 1.94
CA GLY A 19 -5.88 0.68 2.15
C GLY A 19 -5.07 -0.61 2.17
N GLY A 20 -3.76 -0.48 2.34
CA GLY A 20 -2.90 -1.66 2.37
C GLY A 20 -1.57 -1.39 3.04
N LYS A 21 -0.53 -2.05 2.57
CA LYS A 21 0.81 -1.88 3.13
C LYS A 21 1.88 -2.34 2.15
N CYS A 22 3.12 -1.97 2.42
CA CYS A 22 4.23 -2.35 1.55
C CYS A 22 4.94 -3.60 2.07
N LYS A 23 5.47 -4.39 1.16
CA LYS A 23 6.17 -5.62 1.53
C LYS A 23 7.44 -5.80 0.70
N ASN A 24 8.57 -5.40 1.27
CA ASN A 24 9.85 -5.51 0.58
C ASN A 24 9.78 -4.87 -0.81
N GLY A 25 9.24 -3.66 -0.87
CA GLY A 25 9.13 -2.97 -2.13
C GLY A 25 7.78 -3.18 -2.80
N ASP A 26 7.17 -4.32 -2.52
CA ASP A 26 5.87 -4.66 -3.09
C ASP A 26 4.76 -3.84 -2.43
N CYS A 27 3.62 -3.75 -3.09
CA CYS A 27 2.48 -3.02 -2.57
C CYS A 27 1.25 -3.91 -2.43
N VAL A 28 1.01 -4.37 -1.20
CA VAL A 28 -0.13 -5.24 -0.93
C VAL A 28 -1.33 -4.44 -0.47
N CYS A 29 -2.51 -4.79 -0.98
CA CYS A 29 -3.74 -4.11 -0.63
C CYS A 29 -4.70 -5.05 0.11
N ARG A 30 -5.08 -4.65 1.32
CA ARG A 30 -5.99 -5.46 2.13
C ARG A 30 -7.40 -5.46 1.54
N PHE A 1 15.95 2.65 -3.55
CA PHE A 1 14.52 2.93 -3.38
C PHE A 1 14.03 2.48 -2.01
N SER A 2 12.74 2.66 -1.76
CA SER A 2 12.15 2.29 -0.48
C SER A 2 10.63 2.25 -0.58
N CYS A 3 10.05 1.10 -0.26
CA CYS A 3 8.60 0.92 -0.32
C CYS A 3 7.89 1.91 0.62
N ASP A 4 7.38 2.99 0.04
CA ASP A 4 6.68 4.01 0.82
C ASP A 4 5.31 3.52 1.24
N HIS A 5 5.16 3.23 2.54
CA HIS A 5 3.90 2.76 3.07
C HIS A 5 2.76 3.72 2.73
N SER A 6 3.07 5.01 2.73
CA SER A 6 2.08 6.04 2.43
C SER A 6 1.56 5.88 1.00
N ALA A 7 2.48 5.81 0.04
CA ALA A 7 2.12 5.66 -1.35
C ALA A 7 1.17 4.49 -1.55
N CYS A 8 1.52 3.33 -1.00
CA CYS A 8 0.70 2.14 -1.11
C CYS A 8 -0.62 2.31 -0.38
N ALA A 9 -0.55 2.85 0.83
CA ALA A 9 -1.74 3.08 1.64
C ALA A 9 -2.80 3.84 0.85
N VAL A 10 -2.39 4.92 0.21
CA VAL A 10 -3.30 5.74 -0.58
C VAL A 10 -3.75 5.00 -1.84
N ARG A 11 -2.79 4.44 -2.56
CA ARG A 11 -3.07 3.71 -3.79
C ARG A 11 -4.02 2.54 -3.52
N CYS A 12 -4.06 2.11 -2.26
CA CYS A 12 -4.92 0.99 -1.87
C CYS A 12 -6.32 1.48 -1.50
N LEU A 13 -6.37 2.49 -0.64
CA LEU A 13 -7.64 3.05 -0.21
C LEU A 13 -8.40 3.67 -1.38
N ALA A 14 -7.65 4.08 -2.40
CA ALA A 14 -8.24 4.68 -3.60
C ALA A 14 -8.78 3.60 -4.54
N GLN A 15 -8.22 2.40 -4.44
CA GLN A 15 -8.64 1.29 -5.29
C GLN A 15 -9.71 0.46 -4.61
N ARG A 16 -10.35 1.03 -3.58
CA ARG A 16 -11.40 0.35 -2.85
C ARG A 16 -10.84 -0.89 -2.14
N ARG A 17 -9.78 -0.69 -1.37
CA ARG A 17 -9.15 -1.79 -0.64
C ARG A 17 -8.91 -1.40 0.82
N LYS A 18 -9.54 -0.32 1.25
CA LYS A 18 -9.40 0.15 2.62
C LYS A 18 -7.92 0.31 3.00
N GLY A 19 -7.10 0.61 2.00
CA GLY A 19 -5.68 0.77 2.24
C GLY A 19 -4.94 -0.56 2.29
N GLY A 20 -3.63 -0.50 2.51
CA GLY A 20 -2.82 -1.70 2.57
C GLY A 20 -1.56 -1.52 3.38
N LYS A 21 -0.53 -2.29 3.03
CA LYS A 21 0.75 -2.21 3.75
C LYS A 21 1.87 -2.75 2.89
N CYS A 22 3.11 -2.38 3.22
CA CYS A 22 4.28 -2.83 2.48
C CYS A 22 4.87 -4.09 3.10
N LYS A 23 5.25 -5.04 2.25
CA LYS A 23 5.83 -6.29 2.71
C LYS A 23 7.11 -6.62 1.96
N ASN A 24 8.24 -6.18 2.50
CA ASN A 24 9.53 -6.42 1.88
C ASN A 24 9.56 -5.88 0.46
N GLY A 25 8.77 -4.84 0.21
CA GLY A 25 8.72 -4.25 -1.12
C GLY A 25 7.39 -4.49 -1.81
N ASP A 26 6.74 -5.60 -1.46
CA ASP A 26 5.45 -5.94 -2.06
C ASP A 26 4.32 -5.18 -1.37
N CYS A 27 3.68 -4.27 -2.10
CA CYS A 27 2.57 -3.49 -1.56
C CYS A 27 1.28 -4.29 -1.57
N VAL A 28 0.91 -4.84 -0.41
CA VAL A 28 -0.31 -5.62 -0.29
C VAL A 28 -1.49 -4.74 0.07
N CYS A 29 -2.60 -4.93 -0.63
CA CYS A 29 -3.81 -4.15 -0.38
C CYS A 29 -4.88 -5.00 0.29
N ARG A 30 -5.31 -4.58 1.47
CA ARG A 30 -6.33 -5.31 2.22
C ARG A 30 -7.68 -5.21 1.53
N PHE A 1 15.57 1.69 -3.28
CA PHE A 1 14.39 1.37 -2.49
C PHE A 1 13.23 2.30 -2.86
N SER A 2 12.01 1.82 -2.63
CA SER A 2 10.81 2.61 -2.94
C SER A 2 9.61 2.10 -2.16
N CYS A 3 9.85 1.72 -0.91
CA CYS A 3 8.78 1.21 -0.06
C CYS A 3 7.96 2.34 0.53
N ASP A 4 7.35 3.14 -0.35
CA ASP A 4 6.53 4.27 0.08
C ASP A 4 5.18 3.79 0.60
N HIS A 5 5.08 3.63 1.91
CA HIS A 5 3.84 3.19 2.53
C HIS A 5 2.70 4.17 2.24
N SER A 6 3.03 5.44 2.13
CA SER A 6 2.04 6.47 1.86
C SER A 6 1.41 6.27 0.49
N ALA A 7 2.24 6.25 -0.55
CA ALA A 7 1.77 6.06 -1.92
C ALA A 7 0.88 4.83 -2.02
N CYS A 8 1.32 3.74 -1.41
CA CYS A 8 0.56 2.48 -1.43
C CYS A 8 -0.74 2.63 -0.66
N ALA A 9 -0.65 3.18 0.55
CA ALA A 9 -1.83 3.38 1.39
C ALA A 9 -2.94 4.09 0.63
N VAL A 10 -2.59 5.18 -0.04
CA VAL A 10 -3.56 5.95 -0.81
C VAL A 10 -4.01 5.19 -2.04
N ARG A 11 -3.05 4.65 -2.79
CA ARG A 11 -3.36 3.89 -3.99
C ARG A 11 -4.25 2.69 -3.67
N CYS A 12 -4.23 2.27 -2.41
CA CYS A 12 -5.04 1.13 -1.98
C CYS A 12 -6.44 1.58 -1.57
N LEU A 13 -6.50 2.60 -0.71
CA LEU A 13 -7.79 3.12 -0.25
C LEU A 13 -8.59 3.69 -1.41
N ALA A 14 -7.89 4.11 -2.46
CA ALA A 14 -8.55 4.67 -3.64
C ALA A 14 -9.07 3.57 -4.55
N GLN A 15 -8.48 2.39 -4.45
CA GLN A 15 -8.88 1.25 -5.27
C GLN A 15 -9.91 0.39 -4.54
N ARG A 16 -10.52 0.96 -3.51
CA ARG A 16 -11.52 0.25 -2.72
C ARG A 16 -10.90 -0.96 -2.02
N ARG A 17 -9.82 -0.72 -1.30
CA ARG A 17 -9.13 -1.79 -0.57
C ARG A 17 -8.85 -1.37 0.88
N LYS A 18 -9.52 -0.31 1.32
CA LYS A 18 -9.34 0.20 2.68
C LYS A 18 -7.86 0.40 2.99
N GLY A 19 -7.07 0.71 1.96
CA GLY A 19 -5.66 0.93 2.16
C GLY A 19 -4.87 -0.37 2.19
N GLY A 20 -3.56 -0.26 2.42
CA GLY A 20 -2.72 -1.44 2.47
C GLY A 20 -1.49 -1.24 3.33
N LYS A 21 -0.42 -1.96 3.00
CA LYS A 21 0.83 -1.85 3.75
C LYS A 21 2.01 -2.33 2.91
N CYS A 22 3.21 -1.95 3.32
CA CYS A 22 4.43 -2.34 2.61
C CYS A 22 4.85 -3.75 3.00
N LYS A 23 5.36 -4.49 2.03
CA LYS A 23 5.81 -5.86 2.27
C LYS A 23 7.24 -6.06 1.77
N ASN A 24 8.21 -5.74 2.62
CA ASN A 24 9.61 -5.89 2.26
C ASN A 24 9.92 -5.18 0.94
N GLY A 25 9.31 -4.01 0.76
CA GLY A 25 9.53 -3.26 -0.46
C GLY A 25 8.33 -3.29 -1.39
N ASP A 26 7.51 -4.32 -1.25
CA ASP A 26 6.32 -4.46 -2.08
C ASP A 26 5.16 -3.65 -1.53
N CYS A 27 4.02 -3.71 -2.21
CA CYS A 27 2.84 -2.97 -1.78
C CYS A 27 1.60 -3.87 -1.81
N VAL A 28 1.16 -4.28 -0.63
CA VAL A 28 -0.02 -5.14 -0.51
C VAL A 28 -1.24 -4.35 -0.07
N CYS A 29 -2.37 -4.59 -0.73
CA CYS A 29 -3.61 -3.89 -0.40
C CYS A 29 -4.54 -4.79 0.39
N ARG A 30 -4.89 -4.36 1.60
CA ARG A 30 -5.79 -5.13 2.46
C ARG A 30 -7.04 -4.33 2.81
N PHE A 1 16.16 1.85 -2.93
CA PHE A 1 14.72 2.08 -2.89
C PHE A 1 14.23 2.09 -1.44
N SER A 2 12.94 2.35 -1.27
CA SER A 2 12.34 2.39 0.06
C SER A 2 10.83 2.17 -0.02
N CYS A 3 10.35 1.16 0.69
CA CYS A 3 8.93 0.83 0.71
C CYS A 3 8.12 1.99 1.29
N ASP A 4 7.53 2.79 0.42
CA ASP A 4 6.73 3.93 0.85
C ASP A 4 5.32 3.49 1.23
N HIS A 5 5.13 3.17 2.50
CA HIS A 5 3.83 2.72 3.00
C HIS A 5 2.75 3.74 2.64
N SER A 6 3.13 5.01 2.52
CA SER A 6 2.20 6.06 2.19
C SER A 6 1.64 5.88 0.77
N ALA A 7 2.54 5.84 -0.20
CA ALA A 7 2.14 5.65 -1.60
C ALA A 7 1.21 4.46 -1.75
N CYS A 8 1.57 3.35 -1.09
CA CYS A 8 0.77 2.13 -1.17
C CYS A 8 -0.57 2.32 -0.46
N ALA A 9 -0.52 2.88 0.75
CA ALA A 9 -1.72 3.11 1.53
C ALA A 9 -2.78 3.86 0.72
N VAL A 10 -2.36 4.93 0.06
CA VAL A 10 -3.26 5.73 -0.75
C VAL A 10 -3.68 4.97 -2.01
N ARG A 11 -2.71 4.40 -2.71
CA ARG A 11 -2.98 3.65 -3.93
C ARG A 11 -3.92 2.48 -3.65
N CYS A 12 -3.98 2.06 -2.39
CA CYS A 12 -4.83 0.95 -1.98
C CYS A 12 -6.24 1.45 -1.66
N LEU A 13 -6.32 2.46 -0.81
CA LEU A 13 -7.60 3.03 -0.40
C LEU A 13 -8.33 3.62 -1.61
N ALA A 14 -7.58 4.02 -2.62
CA ALA A 14 -8.15 4.59 -3.83
C ALA A 14 -8.66 3.51 -4.76
N GLN A 15 -8.11 2.30 -4.62
CA GLN A 15 -8.51 1.18 -5.46
C GLN A 15 -9.59 0.35 -4.78
N ARG A 16 -10.24 0.95 -3.79
CA ARG A 16 -11.31 0.27 -3.06
C ARG A 16 -10.77 -0.95 -2.31
N ARG A 17 -9.72 -0.74 -1.53
CA ARG A 17 -9.11 -1.83 -0.78
C ARG A 17 -8.88 -1.41 0.69
N LYS A 18 -9.52 -0.32 1.09
CA LYS A 18 -9.40 0.17 2.45
C LYS A 18 -7.94 0.33 2.84
N GLY A 19 -7.09 0.61 1.86
CA GLY A 19 -5.67 0.78 2.11
C GLY A 19 -4.93 -0.54 2.18
N GLY A 20 -3.63 -0.48 2.41
CA GLY A 20 -2.82 -1.68 2.49
C GLY A 20 -1.61 -1.51 3.39
N LYS A 21 -0.56 -2.27 3.12
CA LYS A 21 0.67 -2.21 3.90
C LYS A 21 1.85 -2.76 3.12
N CYS A 22 3.06 -2.46 3.59
CA CYS A 22 4.27 -2.93 2.93
C CYS A 22 4.63 -4.33 3.39
N LYS A 23 5.07 -5.16 2.45
CA LYS A 23 5.46 -6.53 2.75
C LYS A 23 6.85 -6.85 2.21
N ASN A 24 7.86 -6.72 3.07
CA ASN A 24 9.23 -6.99 2.67
C ASN A 24 9.61 -6.20 1.41
N GLY A 25 9.09 -4.99 1.31
CA GLY A 25 9.38 -4.15 0.16
C GLY A 25 8.20 -4.07 -0.80
N ASP A 26 7.38 -5.11 -0.82
CA ASP A 26 6.21 -5.14 -1.69
C ASP A 26 5.08 -4.30 -1.12
N CYS A 27 3.98 -4.22 -1.86
CA CYS A 27 2.82 -3.45 -1.43
C CYS A 27 1.54 -4.27 -1.54
N VAL A 28 1.04 -4.73 -0.39
CA VAL A 28 -0.18 -5.52 -0.36
C VAL A 28 -1.38 -4.67 0.03
N CYS A 29 -2.49 -4.87 -0.69
CA CYS A 29 -3.71 -4.12 -0.43
C CYS A 29 -4.74 -4.99 0.27
N ARG A 30 -5.17 -4.56 1.45
CA ARG A 30 -6.15 -5.30 2.23
C ARG A 30 -7.57 -5.05 1.70
N PHE A 1 14.97 4.39 -3.69
CA PHE A 1 13.66 3.75 -3.66
C PHE A 1 13.40 3.06 -2.32
N SER A 2 12.13 2.90 -1.97
CA SER A 2 11.76 2.28 -0.71
C SER A 2 10.25 2.14 -0.59
N CYS A 3 9.78 0.95 -0.28
CA CYS A 3 8.36 0.69 -0.14
C CYS A 3 7.76 1.51 1.00
N ASP A 4 7.18 2.66 0.65
CA ASP A 4 6.58 3.54 1.63
C ASP A 4 5.13 3.14 1.92
N HIS A 5 4.83 2.91 3.19
CA HIS A 5 3.49 2.51 3.61
C HIS A 5 2.45 3.53 3.14
N SER A 6 2.88 4.78 3.03
CA SER A 6 1.98 5.86 2.60
C SER A 6 1.51 5.63 1.17
N ALA A 7 2.46 5.51 0.25
CA ALA A 7 2.14 5.28 -1.15
C ALA A 7 1.18 4.11 -1.32
N CYS A 8 1.55 2.97 -0.74
CA CYS A 8 0.73 1.77 -0.82
C CYS A 8 -0.63 2.00 -0.17
N ALA A 9 -0.62 2.59 1.02
CA ALA A 9 -1.85 2.87 1.74
C ALA A 9 -2.86 3.60 0.86
N VAL A 10 -2.40 4.64 0.18
CA VAL A 10 -3.25 5.43 -0.69
C VAL A 10 -3.63 4.63 -1.94
N ARG A 11 -2.64 4.03 -2.58
CA ARG A 11 -2.87 3.24 -3.78
C ARG A 11 -3.84 2.09 -3.50
N CYS A 12 -3.95 1.71 -2.23
CA CYS A 12 -4.85 0.64 -1.84
C CYS A 12 -6.26 1.16 -1.58
N LEU A 13 -6.36 2.21 -0.76
CA LEU A 13 -7.64 2.81 -0.44
C LEU A 13 -8.32 3.36 -1.68
N ALA A 14 -7.51 3.71 -2.68
CA ALA A 14 -8.02 4.26 -3.93
C ALA A 14 -8.52 3.15 -4.85
N GLN A 15 -7.98 1.94 -4.65
CA GLN A 15 -8.37 0.80 -5.46
C GLN A 15 -9.50 0.01 -4.81
N ARG A 16 -10.18 0.64 -3.86
CA ARG A 16 -11.28 0.01 -3.15
C ARG A 16 -10.79 -1.20 -2.35
N ARG A 17 -9.77 -0.97 -1.53
CA ARG A 17 -9.20 -2.04 -0.71
C ARG A 17 -9.03 -1.59 0.74
N LYS A 18 -9.68 -0.47 1.08
CA LYS A 18 -9.60 0.07 2.43
C LYS A 18 -8.16 0.22 2.88
N GLY A 19 -7.26 0.46 1.92
CA GLY A 19 -5.86 0.61 2.24
C GLY A 19 -5.14 -0.72 2.37
N GLY A 20 -3.83 -0.66 2.63
CA GLY A 20 -3.06 -1.87 2.79
C GLY A 20 -1.76 -1.63 3.53
N LYS A 21 -0.75 -2.44 3.23
CA LYS A 21 0.55 -2.32 3.87
C LYS A 21 1.65 -2.92 3.02
N CYS A 22 2.90 -2.68 3.40
CA CYS A 22 4.04 -3.20 2.65
C CYS A 22 4.55 -4.50 3.28
N LYS A 23 5.12 -5.37 2.45
CA LYS A 23 5.64 -6.64 2.92
C LYS A 23 6.99 -6.95 2.28
N ASN A 24 8.07 -6.62 2.99
CA ASN A 24 9.41 -6.87 2.49
C ASN A 24 9.59 -6.27 1.09
N GLY A 25 9.05 -5.07 0.90
CA GLY A 25 9.15 -4.42 -0.39
C GLY A 25 7.87 -4.49 -1.20
N ASP A 26 7.13 -5.57 -1.02
CA ASP A 26 5.88 -5.77 -1.73
C ASP A 26 4.79 -4.83 -1.20
N CYS A 27 3.67 -4.76 -1.90
CA CYS A 27 2.57 -3.90 -1.51
C CYS A 27 1.26 -4.68 -1.45
N VAL A 28 0.89 -5.11 -0.24
CA VAL A 28 -0.35 -5.86 -0.05
C VAL A 28 -1.52 -4.94 0.26
N CYS A 29 -2.67 -5.22 -0.35
CA CYS A 29 -3.86 -4.42 -0.14
C CYS A 29 -4.95 -5.23 0.56
N ARG A 30 -5.38 -4.77 1.72
CA ARG A 30 -6.42 -5.45 2.48
C ARG A 30 -7.72 -5.53 1.68
N PHE A 1 13.60 1.98 -4.60
CA PHE A 1 12.43 2.15 -3.75
C PHE A 1 12.81 2.04 -2.28
N SER A 2 11.90 2.47 -1.40
CA SER A 2 12.14 2.41 0.04
C SER A 2 10.88 2.01 0.79
N CYS A 3 10.02 1.26 0.11
CA CYS A 3 8.77 0.80 0.71
C CYS A 3 7.97 1.98 1.28
N ASP A 4 7.46 2.82 0.39
CA ASP A 4 6.68 3.98 0.80
C ASP A 4 5.28 3.57 1.24
N HIS A 5 5.09 3.43 2.56
CA HIS A 5 3.80 3.04 3.10
C HIS A 5 2.71 4.04 2.71
N SER A 6 3.12 5.28 2.48
CA SER A 6 2.18 6.34 2.10
C SER A 6 1.60 6.07 0.71
N ALA A 7 2.49 5.94 -0.28
CA ALA A 7 2.07 5.69 -1.65
C ALA A 7 1.13 4.49 -1.72
N CYS A 8 1.48 3.42 -1.02
CA CYS A 8 0.67 2.21 -1.01
C CYS A 8 -0.66 2.45 -0.30
N ALA A 9 -0.59 3.08 0.86
CA ALA A 9 -1.79 3.37 1.64
C ALA A 9 -2.84 4.08 0.79
N VAL A 10 -2.41 5.12 0.07
CA VAL A 10 -3.31 5.88 -0.78
C VAL A 10 -3.75 5.06 -1.99
N ARG A 11 -2.78 4.43 -2.66
CA ARG A 11 -3.06 3.61 -3.82
C ARG A 11 -4.02 2.48 -3.47
N CYS A 12 -4.08 2.13 -2.20
CA CYS A 12 -4.96 1.06 -1.72
C CYS A 12 -6.34 1.59 -1.41
N LEU A 13 -6.40 2.66 -0.63
CA LEU A 13 -7.67 3.27 -0.25
C LEU A 13 -8.40 3.79 -1.48
N ALA A 14 -7.65 4.12 -2.52
CA ALA A 14 -8.23 4.63 -3.76
C ALA A 14 -8.76 3.50 -4.63
N GLN A 15 -8.22 2.30 -4.42
CA GLN A 15 -8.64 1.13 -5.18
C GLN A 15 -9.74 0.37 -4.45
N ARG A 16 -10.37 1.03 -3.50
CA ARG A 16 -11.45 0.41 -2.72
C ARG A 16 -10.92 -0.78 -1.91
N ARG A 17 -9.85 -0.54 -1.14
CA ARG A 17 -9.24 -1.58 -0.32
C ARG A 17 -9.01 -1.08 1.10
N LYS A 18 -9.64 0.03 1.44
CA LYS A 18 -9.50 0.61 2.77
C LYS A 18 -8.03 0.77 3.14
N GLY A 19 -7.18 0.98 2.14
CA GLY A 19 -5.77 1.14 2.39
C GLY A 19 -5.05 -0.18 2.53
N GLY A 20 -3.73 -0.12 2.78
CA GLY A 20 -2.95 -1.34 2.93
C GLY A 20 -1.73 -1.13 3.81
N LYS A 21 -0.69 -1.90 3.53
CA LYS A 21 0.55 -1.80 4.30
C LYS A 21 1.73 -2.40 3.53
N CYS A 22 2.94 -2.08 3.96
CA CYS A 22 4.14 -2.58 3.30
C CYS A 22 4.44 -4.01 3.76
N LYS A 23 5.02 -4.79 2.85
CA LYS A 23 5.37 -6.18 3.16
C LYS A 23 6.80 -6.49 2.74
N ASN A 24 7.75 -6.16 3.61
CA ASN A 24 9.16 -6.41 3.32
C ASN A 24 9.56 -5.81 1.98
N GLY A 25 9.09 -4.60 1.72
CA GLY A 25 9.40 -3.93 0.47
C GLY A 25 8.24 -3.92 -0.50
N ASP A 26 7.36 -4.91 -0.37
CA ASP A 26 6.20 -5.01 -1.24
C ASP A 26 5.05 -4.15 -0.72
N CYS A 27 3.96 -4.11 -1.47
CA CYS A 27 2.79 -3.33 -1.09
C CYS A 27 1.52 -4.18 -1.12
N VAL A 28 0.98 -4.46 0.06
CA VAL A 28 -0.23 -5.27 0.16
C VAL A 28 -1.44 -4.40 0.50
N CYS A 29 -2.57 -4.71 -0.13
CA CYS A 29 -3.80 -3.96 0.10
C CYS A 29 -4.82 -4.80 0.85
N ARG A 30 -5.27 -4.29 2.00
CA ARG A 30 -6.25 -5.00 2.81
C ARG A 30 -7.33 -4.06 3.31
N PHE A 1 15.61 2.83 -3.84
CA PHE A 1 14.16 2.74 -3.71
C PHE A 1 13.76 2.44 -2.27
N SER A 2 12.47 2.54 -1.98
CA SER A 2 11.96 2.28 -0.64
C SER A 2 10.44 2.18 -0.65
N CYS A 3 9.92 1.05 -0.16
CA CYS A 3 8.48 0.83 -0.10
C CYS A 3 7.80 1.84 0.81
N ASP A 4 7.24 2.89 0.21
CA ASP A 4 6.55 3.93 0.97
C ASP A 4 5.16 3.47 1.39
N HIS A 5 4.98 3.30 2.70
CA HIS A 5 3.69 2.86 3.23
C HIS A 5 2.59 3.86 2.89
N SER A 6 2.97 5.12 2.72
CA SER A 6 2.02 6.17 2.40
C SER A 6 1.46 5.98 0.99
N ALA A 7 2.37 5.96 0.01
CA ALA A 7 1.97 5.79 -1.39
C ALA A 7 1.07 4.56 -1.55
N CYS A 8 1.49 3.45 -0.97
CA CYS A 8 0.72 2.21 -1.06
C CYS A 8 -0.62 2.35 -0.34
N ALA A 9 -0.57 2.89 0.87
CA ALA A 9 -1.79 3.08 1.67
C ALA A 9 -2.86 3.81 0.86
N VAL A 10 -2.47 4.91 0.22
CA VAL A 10 -3.40 5.69 -0.57
C VAL A 10 -3.81 4.95 -1.84
N ARG A 11 -2.82 4.40 -2.54
CA ARG A 11 -3.08 3.67 -3.78
C ARG A 11 -3.99 2.47 -3.50
N CYS A 12 -4.03 2.03 -2.25
CA CYS A 12 -4.86 0.90 -1.86
C CYS A 12 -6.27 1.35 -1.51
N LEU A 13 -6.37 2.35 -0.66
CA LEU A 13 -7.67 2.88 -0.23
C LEU A 13 -8.42 3.47 -1.43
N ALA A 14 -7.67 3.90 -2.44
CA ALA A 14 -8.27 4.48 -3.63
C ALA A 14 -8.76 3.39 -4.59
N GLN A 15 -8.18 2.21 -4.47
CA GLN A 15 -8.56 1.08 -5.32
C GLN A 15 -9.62 0.22 -4.64
N ARG A 16 -10.28 0.78 -3.63
CA ARG A 16 -11.32 0.07 -2.91
C ARG A 16 -10.74 -1.16 -2.19
N ARG A 17 -9.69 -0.93 -1.41
CA ARG A 17 -9.04 -2.01 -0.67
C ARG A 17 -8.83 -1.61 0.79
N LYS A 18 -9.49 -0.55 1.22
CA LYS A 18 -9.37 -0.06 2.58
C LYS A 18 -7.91 0.12 2.97
N GLY A 19 -7.07 0.44 1.98
CA GLY A 19 -5.66 0.64 2.24
C GLY A 19 -4.89 -0.67 2.29
N GLY A 20 -3.60 -0.57 2.54
CA GLY A 20 -2.76 -1.75 2.60
C GLY A 20 -1.53 -1.55 3.47
N LYS A 21 -0.46 -2.27 3.15
CA LYS A 21 0.78 -2.18 3.91
C LYS A 21 1.95 -2.70 3.08
N CYS A 22 3.16 -2.29 3.45
CA CYS A 22 4.37 -2.71 2.75
C CYS A 22 4.95 -3.97 3.39
N LYS A 23 5.31 -4.93 2.56
CA LYS A 23 5.90 -6.19 3.04
C LYS A 23 7.18 -6.52 2.28
N ASN A 24 8.31 -6.10 2.84
CA ASN A 24 9.60 -6.36 2.22
C ASN A 24 9.61 -5.90 0.77
N GLY A 25 8.92 -4.79 0.50
CA GLY A 25 8.87 -4.25 -0.84
C GLY A 25 7.54 -4.53 -1.52
N ASP A 26 6.90 -5.63 -1.15
CA ASP A 26 5.61 -6.00 -1.73
C ASP A 26 4.47 -5.27 -1.02
N CYS A 27 3.86 -4.32 -1.71
CA CYS A 27 2.76 -3.55 -1.15
C CYS A 27 1.46 -4.32 -1.23
N VAL A 28 1.06 -4.92 -0.11
CA VAL A 28 -0.17 -5.70 -0.05
C VAL A 28 -1.37 -4.81 0.25
N CYS A 29 -2.44 -4.99 -0.51
CA CYS A 29 -3.65 -4.20 -0.33
C CYS A 29 -4.75 -5.03 0.31
N ARG A 30 -5.22 -4.60 1.48
CA ARG A 30 -6.28 -5.31 2.19
C ARG A 30 -7.61 -5.19 1.45
N PHE A 1 15.61 2.59 -3.55
CA PHE A 1 14.28 2.04 -3.30
C PHE A 1 13.82 2.34 -1.88
N SER A 2 12.53 2.64 -1.72
CA SER A 2 11.97 2.95 -0.41
C SER A 2 10.47 2.66 -0.38
N CYS A 3 10.08 1.64 0.37
CA CYS A 3 8.68 1.26 0.49
C CYS A 3 7.88 2.36 1.16
N ASP A 4 7.28 3.24 0.36
CA ASP A 4 6.48 4.34 0.88
C ASP A 4 5.09 3.86 1.25
N HIS A 5 4.86 3.65 2.55
CA HIS A 5 3.57 3.19 3.03
C HIS A 5 2.47 4.19 2.66
N SER A 6 2.84 5.45 2.49
CA SER A 6 1.89 6.49 2.14
C SER A 6 1.32 6.27 0.75
N ALA A 7 2.21 6.21 -0.25
CA ALA A 7 1.80 5.99 -1.63
C ALA A 7 0.90 4.76 -1.75
N CYS A 8 1.28 3.69 -1.08
CA CYS A 8 0.51 2.45 -1.11
C CYS A 8 -0.81 2.62 -0.38
N ALA A 9 -0.76 3.22 0.81
CA ALA A 9 -1.96 3.44 1.60
C ALA A 9 -3.04 4.14 0.78
N VAL A 10 -2.66 5.21 0.09
CA VAL A 10 -3.60 5.95 -0.73
C VAL A 10 -4.03 5.15 -1.96
N ARG A 11 -3.04 4.59 -2.66
CA ARG A 11 -3.31 3.79 -3.85
C ARG A 11 -4.23 2.61 -3.52
N CYS A 12 -4.25 2.22 -2.25
CA CYS A 12 -5.08 1.11 -1.80
C CYS A 12 -6.48 1.58 -1.47
N LEU A 13 -6.57 2.62 -0.64
CA LEU A 13 -7.86 3.17 -0.23
C LEU A 13 -8.62 3.70 -1.44
N ALA A 14 -7.90 4.09 -2.48
CA ALA A 14 -8.50 4.62 -3.69
C ALA A 14 -9.00 3.49 -4.59
N GLN A 15 -8.42 2.30 -4.42
CA GLN A 15 -8.81 1.15 -5.22
C GLN A 15 -9.86 0.32 -4.50
N ARG A 16 -10.51 0.93 -3.51
CA ARG A 16 -11.54 0.25 -2.75
C ARG A 16 -10.96 -0.94 -1.98
N ARG A 17 -9.91 -0.69 -1.22
CA ARG A 17 -9.25 -1.73 -0.45
C ARG A 17 -9.01 -1.28 0.99
N LYS A 18 -9.68 -0.19 1.38
CA LYS A 18 -9.55 0.34 2.72
C LYS A 18 -8.08 0.54 3.08
N GLY A 19 -7.26 0.82 2.08
CA GLY A 19 -5.84 1.03 2.32
C GLY A 19 -5.07 -0.27 2.41
N GLY A 20 -3.77 -0.16 2.70
CA GLY A 20 -2.94 -1.35 2.82
C GLY A 20 -1.69 -1.10 3.63
N LYS A 21 -0.63 -1.86 3.32
CA LYS A 21 0.64 -1.71 4.03
C LYS A 21 1.78 -2.28 3.20
N CYS A 22 3.01 -2.02 3.64
CA CYS A 22 4.19 -2.51 2.94
C CYS A 22 4.54 -3.93 3.39
N LYS A 23 5.16 -4.69 2.49
CA LYS A 23 5.56 -6.06 2.80
C LYS A 23 6.97 -6.35 2.32
N ASN A 24 7.95 -6.11 3.19
CA ASN A 24 9.35 -6.33 2.86
C ASN A 24 9.72 -5.64 1.56
N GLY A 25 9.13 -4.45 1.33
CA GLY A 25 9.41 -3.70 0.12
C GLY A 25 8.25 -3.72 -0.85
N ASP A 26 7.37 -4.72 -0.72
CA ASP A 26 6.22 -4.84 -1.59
C ASP A 26 5.05 -4.01 -1.08
N CYS A 27 3.98 -3.95 -1.86
CA CYS A 27 2.80 -3.19 -1.48
C CYS A 27 1.56 -4.07 -1.46
N VAL A 28 1.03 -4.31 -0.27
CA VAL A 28 -0.16 -5.14 -0.11
C VAL A 28 -1.37 -4.31 0.30
N CYS A 29 -2.51 -4.61 -0.31
CA CYS A 29 -3.74 -3.88 -0.02
C CYS A 29 -4.71 -4.75 0.77
N ARG A 30 -5.11 -4.27 1.95
CA ARG A 30 -6.04 -5.01 2.80
C ARG A 30 -7.39 -4.29 2.88
N PHE A 1 12.64 0.01 -4.49
CA PHE A 1 12.25 1.22 -3.78
C PHE A 1 12.55 1.09 -2.28
N SER A 2 12.26 2.15 -1.54
CA SER A 2 12.49 2.15 -0.09
C SER A 2 11.21 1.86 0.67
N CYS A 3 10.33 1.06 0.06
CA CYS A 3 9.07 0.69 0.68
C CYS A 3 8.31 1.95 1.12
N ASP A 4 7.51 2.50 0.20
CA ASP A 4 6.73 3.69 0.49
C ASP A 4 5.31 3.31 0.94
N HIS A 5 5.09 3.35 2.25
CA HIS A 5 3.78 3.01 2.80
C HIS A 5 2.72 3.99 2.35
N SER A 6 3.15 5.23 2.09
CA SER A 6 2.23 6.27 1.64
C SER A 6 1.68 5.96 0.26
N ALA A 7 2.57 5.78 -0.71
CA ALA A 7 2.17 5.47 -2.07
C ALA A 7 1.23 4.28 -2.11
N CYS A 8 1.58 3.23 -1.38
CA CYS A 8 0.76 2.01 -1.32
C CYS A 8 -0.57 2.29 -0.62
N ALA A 9 -0.50 2.97 0.51
CA ALA A 9 -1.71 3.30 1.27
C ALA A 9 -2.75 3.97 0.38
N VAL A 10 -2.33 4.96 -0.38
CA VAL A 10 -3.24 5.68 -1.28
C VAL A 10 -3.67 4.79 -2.45
N ARG A 11 -2.69 4.14 -3.08
CA ARG A 11 -2.98 3.26 -4.21
C ARG A 11 -3.93 2.14 -3.81
N CYS A 12 -3.98 1.87 -2.51
CA CYS A 12 -4.85 0.81 -1.99
C CYS A 12 -6.26 1.35 -1.70
N LEU A 13 -6.32 2.46 -0.97
CA LEU A 13 -7.59 3.08 -0.63
C LEU A 13 -8.32 3.54 -1.88
N ALA A 14 -7.56 3.82 -2.93
CA ALA A 14 -8.14 4.27 -4.20
C ALA A 14 -8.67 3.09 -5.01
N GLN A 15 -8.12 1.91 -4.74
CA GLN A 15 -8.54 0.70 -5.46
C GLN A 15 -9.63 -0.03 -4.69
N ARG A 16 -10.27 0.67 -3.76
CA ARG A 16 -11.34 0.09 -2.96
C ARG A 16 -10.81 -1.05 -2.10
N ARG A 17 -9.74 -0.77 -1.34
CA ARG A 17 -9.14 -1.78 -0.47
C ARG A 17 -8.91 -1.22 0.92
N LYS A 18 -9.54 -0.08 1.22
CA LYS A 18 -9.40 0.56 2.52
C LYS A 18 -7.94 0.74 2.89
N GLY A 19 -7.09 0.90 1.88
CA GLY A 19 -5.68 1.09 2.11
C GLY A 19 -4.94 -0.23 2.32
N GLY A 20 -3.66 -0.14 2.64
CA GLY A 20 -2.87 -1.34 2.85
C GLY A 20 -1.66 -1.09 3.73
N LYS A 21 -0.61 -1.88 3.52
CA LYS A 21 0.62 -1.74 4.30
C LYS A 21 1.80 -2.38 3.58
N CYS A 22 3.01 -2.05 4.02
CA CYS A 22 4.22 -2.59 3.41
C CYS A 22 4.52 -3.99 3.95
N LYS A 23 5.00 -4.87 3.08
CA LYS A 23 5.33 -6.24 3.47
C LYS A 23 6.76 -6.58 3.06
N ASN A 24 7.71 -6.31 3.94
CA ASN A 24 9.11 -6.60 3.67
C ASN A 24 9.53 -6.01 2.33
N GLY A 25 9.08 -4.80 2.05
CA GLY A 25 9.43 -4.14 0.81
C GLY A 25 8.28 -4.14 -0.19
N ASP A 26 7.41 -5.13 -0.08
CA ASP A 26 6.26 -5.24 -0.98
C ASP A 26 5.12 -4.35 -0.52
N CYS A 27 4.03 -4.34 -1.28
CA CYS A 27 2.87 -3.53 -0.95
C CYS A 27 1.59 -4.38 -0.97
N VAL A 28 1.04 -4.63 0.21
CA VAL A 28 -0.18 -5.43 0.33
C VAL A 28 -1.38 -4.54 0.62
N CYS A 29 -2.50 -4.81 -0.04
CA CYS A 29 -3.72 -4.04 0.16
C CYS A 29 -4.74 -4.83 0.98
N ARG A 30 -5.16 -4.27 2.10
CA ARG A 30 -6.12 -4.92 2.97
C ARG A 30 -7.26 -3.97 3.32
N PHE A 1 15.60 3.75 -2.84
CA PHE A 1 14.25 3.24 -3.02
C PHE A 1 13.77 2.51 -1.77
N SER A 2 12.52 2.75 -1.39
CA SER A 2 11.95 2.12 -0.20
C SER A 2 10.42 2.11 -0.29
N CYS A 3 9.83 0.94 -0.09
CA CYS A 3 8.38 0.79 -0.14
C CYS A 3 7.70 1.70 0.88
N ASP A 4 7.20 2.83 0.39
CA ASP A 4 6.53 3.80 1.25
C ASP A 4 5.11 3.33 1.58
N HIS A 5 4.84 3.13 2.86
CA HIS A 5 3.52 2.69 3.30
C HIS A 5 2.44 3.68 2.87
N SER A 6 2.83 4.94 2.71
CA SER A 6 1.89 5.99 2.29
C SER A 6 1.38 5.73 0.89
N ALA A 7 2.30 5.61 -0.07
CA ALA A 7 1.95 5.37 -1.45
C ALA A 7 1.02 4.17 -1.58
N CYS A 8 1.40 3.05 -0.97
CA CYS A 8 0.60 1.83 -1.00
C CYS A 8 -0.74 2.05 -0.31
N ALA A 9 -0.70 2.67 0.86
CA ALA A 9 -1.92 2.93 1.64
C ALA A 9 -2.97 3.62 0.77
N VAL A 10 -2.56 4.67 0.07
CA VAL A 10 -3.46 5.42 -0.79
C VAL A 10 -3.87 4.61 -2.01
N ARG A 11 -2.88 4.00 -2.67
CA ARG A 11 -3.14 3.19 -3.86
C ARG A 11 -4.08 2.03 -3.52
N CYS A 12 -4.14 1.68 -2.24
CA CYS A 12 -4.99 0.58 -1.79
C CYS A 12 -6.40 1.09 -1.49
N LEU A 13 -6.49 2.14 -0.69
CA LEU A 13 -7.78 2.72 -0.33
C LEU A 13 -8.51 3.24 -1.56
N ALA A 14 -7.75 3.59 -2.58
CA ALA A 14 -8.32 4.11 -3.83
C ALA A 14 -8.82 2.96 -4.71
N GLN A 15 -8.26 1.78 -4.51
CA GLN A 15 -8.65 0.61 -5.29
C GLN A 15 -9.73 -0.19 -4.58
N ARG A 16 -10.39 0.45 -3.62
CA ARG A 16 -11.46 -0.20 -2.85
C ARG A 16 -10.91 -1.37 -2.06
N ARG A 17 -9.86 -1.12 -1.27
CA ARG A 17 -9.25 -2.16 -0.46
C ARG A 17 -9.04 -1.67 0.97
N LYS A 18 -9.69 -0.57 1.32
CA LYS A 18 -9.58 -0.01 2.66
C LYS A 18 -8.12 0.18 3.05
N GLY A 19 -7.26 0.41 2.05
CA GLY A 19 -5.86 0.61 2.31
C GLY A 19 -5.10 -0.71 2.45
N GLY A 20 -3.79 -0.62 2.67
CA GLY A 20 -2.99 -1.82 2.82
C GLY A 20 -1.68 -1.55 3.53
N LYS A 21 -0.67 -2.36 3.24
CA LYS A 21 0.64 -2.20 3.86
C LYS A 21 1.72 -2.89 3.02
N CYS A 22 2.97 -2.51 3.25
CA CYS A 22 4.09 -3.08 2.53
C CYS A 22 4.52 -4.42 3.13
N LYS A 23 5.06 -5.30 2.30
CA LYS A 23 5.50 -6.61 2.75
C LYS A 23 6.84 -6.98 2.12
N ASN A 24 7.92 -6.72 2.85
CA ASN A 24 9.26 -7.04 2.35
C ASN A 24 9.49 -6.42 0.98
N GLY A 25 9.03 -5.19 0.79
CA GLY A 25 9.20 -4.52 -0.49
C GLY A 25 7.92 -4.52 -1.30
N ASP A 26 7.11 -5.56 -1.13
CA ASP A 26 5.86 -5.69 -1.87
C ASP A 26 4.80 -4.76 -1.28
N CYS A 27 3.63 -4.72 -1.93
CA CYS A 27 2.53 -3.88 -1.48
C CYS A 27 1.23 -4.67 -1.41
N VAL A 28 0.87 -5.10 -0.20
CA VAL A 28 -0.35 -5.87 0.00
C VAL A 28 -1.52 -4.96 0.36
N CYS A 29 -2.66 -5.20 -0.28
CA CYS A 29 -3.86 -4.40 -0.04
C CYS A 29 -4.90 -5.21 0.73
N ARG A 30 -5.27 -4.72 1.92
CA ARG A 30 -6.26 -5.40 2.74
C ARG A 30 -7.58 -5.54 2.00
N PHE A 1 14.68 2.08 -2.67
CA PHE A 1 13.51 2.41 -1.87
C PHE A 1 13.16 1.25 -0.93
N SER A 2 12.38 1.56 0.10
CA SER A 2 11.97 0.55 1.07
C SER A 2 10.45 0.38 1.07
N CYS A 3 9.86 0.41 -0.12
CA CYS A 3 8.41 0.25 -0.27
C CYS A 3 7.68 1.27 0.60
N ASP A 4 7.45 2.45 0.06
CA ASP A 4 6.74 3.50 0.79
C ASP A 4 5.37 3.02 1.26
N HIS A 5 5.08 3.22 2.54
CA HIS A 5 3.81 2.80 3.12
C HIS A 5 2.70 3.75 2.68
N SER A 6 3.05 5.00 2.41
CA SER A 6 2.08 6.00 2.00
C SER A 6 1.58 5.73 0.59
N ALA A 7 2.51 5.54 -0.33
CA ALA A 7 2.16 5.26 -1.72
C ALA A 7 1.20 4.08 -1.82
N CYS A 8 1.54 2.99 -1.15
CA CYS A 8 0.70 1.79 -1.15
C CYS A 8 -0.63 2.05 -0.46
N ALA A 9 -0.58 2.68 0.71
CA ALA A 9 -1.77 3.00 1.46
C ALA A 9 -2.81 3.71 0.59
N VAL A 10 -2.36 4.73 -0.12
CA VAL A 10 -3.25 5.50 -1.00
C VAL A 10 -3.68 4.67 -2.19
N ARG A 11 -2.71 4.04 -2.85
CA ARG A 11 -3.00 3.22 -4.02
C ARG A 11 -3.97 2.09 -3.67
N CYS A 12 -4.03 1.75 -2.39
CA CYS A 12 -4.93 0.69 -1.93
C CYS A 12 -6.32 1.24 -1.63
N LEU A 13 -6.38 2.31 -0.85
CA LEU A 13 -7.65 2.93 -0.49
C LEU A 13 -8.36 3.46 -1.73
N ALA A 14 -7.59 3.77 -2.77
CA ALA A 14 -8.14 4.28 -4.01
C ALA A 14 -8.68 3.15 -4.88
N GLN A 15 -8.15 1.95 -4.66
CA GLN A 15 -8.58 0.78 -5.43
C GLN A 15 -9.69 0.03 -4.71
N ARG A 16 -10.33 0.70 -3.76
CA ARG A 16 -11.41 0.09 -2.99
C ARG A 16 -10.90 -1.09 -2.18
N ARG A 17 -9.84 -0.86 -1.39
CA ARG A 17 -9.26 -1.91 -0.57
C ARG A 17 -9.04 -1.41 0.85
N LYS A 18 -9.66 -0.28 1.20
CA LYS A 18 -9.53 0.30 2.52
C LYS A 18 -8.05 0.44 2.91
N GLY A 19 -7.20 0.64 1.92
CA GLY A 19 -5.78 0.79 2.16
C GLY A 19 -5.07 -0.54 2.32
N GLY A 20 -3.76 -0.49 2.53
CA GLY A 20 -2.99 -1.70 2.69
C GLY A 20 -1.67 -1.46 3.39
N LYS A 21 -0.65 -2.25 3.04
CA LYS A 21 0.67 -2.11 3.64
C LYS A 21 1.75 -2.67 2.71
N CYS A 22 2.99 -2.27 2.96
CA CYS A 22 4.12 -2.72 2.15
C CYS A 22 4.84 -3.88 2.82
N LYS A 23 5.32 -4.82 2.02
CA LYS A 23 6.03 -5.99 2.53
C LYS A 23 7.29 -6.27 1.70
N ASN A 24 8.41 -5.67 2.11
CA ASN A 24 9.67 -5.87 1.41
C ASN A 24 9.51 -5.57 -0.08
N GLY A 25 8.74 -4.53 -0.40
CA GLY A 25 8.53 -4.17 -1.79
C GLY A 25 7.15 -4.57 -2.29
N ASP A 26 6.64 -5.68 -1.76
CA ASP A 26 5.33 -6.18 -2.15
C ASP A 26 4.22 -5.33 -1.53
N CYS A 27 3.53 -4.55 -2.37
CA CYS A 27 2.45 -3.70 -1.90
C CYS A 27 1.16 -4.50 -1.74
N VAL A 28 0.84 -4.86 -0.50
CA VAL A 28 -0.37 -5.63 -0.21
C VAL A 28 -1.55 -4.71 0.06
N CYS A 29 -2.74 -5.13 -0.38
CA CYS A 29 -3.95 -4.34 -0.18
C CYS A 29 -5.03 -5.17 0.49
N ARG A 30 -5.51 -4.70 1.64
CA ARG A 30 -6.55 -5.40 2.37
C ARG A 30 -7.91 -5.20 1.73
N PHE A 1 14.30 3.12 -5.40
CA PHE A 1 12.99 2.61 -5.06
C PHE A 1 12.84 2.45 -3.54
N SER A 2 11.62 2.58 -3.05
CA SER A 2 11.34 2.45 -1.62
C SER A 2 9.85 2.25 -1.38
N CYS A 3 9.51 1.18 -0.67
CA CYS A 3 8.12 0.87 -0.35
C CYS A 3 7.61 1.75 0.79
N ASP A 4 7.16 2.94 0.44
CA ASP A 4 6.65 3.87 1.44
C ASP A 4 5.24 3.48 1.88
N HIS A 5 5.05 3.35 3.20
CA HIS A 5 3.75 2.97 3.75
C HIS A 5 2.66 3.92 3.25
N SER A 6 3.03 5.18 3.03
CA SER A 6 2.08 6.19 2.56
C SER A 6 1.64 5.89 1.14
N ALA A 7 2.61 5.76 0.23
CA ALA A 7 2.31 5.48 -1.17
C ALA A 7 1.40 4.26 -1.30
N CYS A 8 1.70 3.22 -0.54
CA CYS A 8 0.90 2.00 -0.58
C CYS A 8 -0.47 2.22 0.02
N ALA A 9 -0.52 2.88 1.19
CA ALA A 9 -1.78 3.16 1.86
C ALA A 9 -2.77 3.84 0.91
N VAL A 10 -2.28 4.87 0.21
CA VAL A 10 -3.13 5.61 -0.73
C VAL A 10 -3.46 4.76 -1.94
N ARG A 11 -2.43 4.14 -2.53
CA ARG A 11 -2.61 3.30 -3.71
C ARG A 11 -3.58 2.16 -3.42
N CYS A 12 -3.73 1.83 -2.13
CA CYS A 12 -4.62 0.75 -1.72
C CYS A 12 -6.05 1.27 -1.53
N LEU A 13 -6.18 2.34 -0.77
CA LEU A 13 -7.48 2.94 -0.50
C LEU A 13 -8.13 3.44 -1.80
N ALA A 14 -7.30 3.76 -2.78
CA ALA A 14 -7.78 4.25 -4.07
C ALA A 14 -8.22 3.10 -4.95
N GLN A 15 -7.68 1.91 -4.70
CA GLN A 15 -8.03 0.73 -5.47
C GLN A 15 -9.16 -0.05 -4.82
N ARG A 16 -9.88 0.61 -3.92
CA ARG A 16 -11.00 -0.01 -3.22
C ARG A 16 -10.52 -1.18 -2.36
N ARG A 17 -9.53 -0.91 -1.52
CA ARG A 17 -8.98 -1.93 -0.63
C ARG A 17 -8.86 -1.42 0.80
N LYS A 18 -9.53 -0.31 1.07
CA LYS A 18 -9.52 0.28 2.40
C LYS A 18 -8.08 0.47 2.89
N GLY A 19 -7.16 0.68 1.96
CA GLY A 19 -5.77 0.88 2.31
C GLY A 19 -5.03 -0.44 2.52
N GLY A 20 -3.74 -0.35 2.80
CA GLY A 20 -2.95 -1.55 3.03
C GLY A 20 -1.71 -1.28 3.85
N LYS A 21 -0.64 -2.03 3.57
CA LYS A 21 0.61 -1.87 4.30
C LYS A 21 1.77 -2.44 3.50
N CYS A 22 3.00 -2.06 3.88
CA CYS A 22 4.18 -2.54 3.20
C CYS A 22 4.80 -3.71 3.95
N LYS A 23 5.30 -4.70 3.20
CA LYS A 23 5.92 -5.88 3.80
C LYS A 23 7.25 -6.19 3.11
N ASN A 24 8.33 -5.70 3.69
CA ASN A 24 9.67 -5.94 3.12
C ASN A 24 9.72 -5.55 1.65
N GLY A 25 8.93 -4.55 1.28
CA GLY A 25 8.89 -4.10 -0.09
C GLY A 25 7.58 -4.41 -0.78
N ASP A 26 6.99 -5.55 -0.42
CA ASP A 26 5.71 -5.96 -1.01
C ASP A 26 4.55 -5.17 -0.42
N CYS A 27 3.96 -4.31 -1.24
CA CYS A 27 2.84 -3.49 -0.80
C CYS A 27 1.53 -4.28 -0.82
N VAL A 28 1.12 -4.77 0.34
CA VAL A 28 -0.11 -5.54 0.45
C VAL A 28 -1.31 -4.63 0.66
N CYS A 29 -2.45 -5.02 0.07
CA CYS A 29 -3.67 -4.24 0.19
C CYS A 29 -4.79 -5.08 0.80
N ARG A 30 -5.35 -4.59 1.91
CA ARG A 30 -6.42 -5.29 2.59
C ARG A 30 -7.47 -4.31 3.12
#